data_8RFY
#
_entry.id   8RFY
#
_cell.length_a   107.620
_cell.length_b   107.620
_cell.length_c   107.620
_cell.angle_alpha   90.00
_cell.angle_beta   90.00
_cell.angle_gamma   90.00
#
_symmetry.space_group_name_H-M   'P 21 3'
#
loop_
_entity.id
_entity.type
_entity.pdbx_description
1 polymer 'Copper-containing nitrite reductase'
2 branched beta-D-fructofuranose-(2-1)-alpha-D-glucopyranose
3 non-polymer 'COPPER (II) ION'
4 non-polymer 'SULFATE ION'
5 non-polymer '4-(2-HYDROXYETHYL)-1-PIPERAZINE ETHANESULFONIC ACID'
6 water water
#
_entity_poly.entity_id   1
_entity_poly.type   'polypeptide(L)'
_entity_poly.pdbx_seq_one_letter_code
;MDDLKLPRQRVDLVAPPFVHVHEQATKQGPKIMEFKLVVQEKKMVIDEKGTTFQAMTFNGSMPGPLMVVHEGDYVEVTLV
NPATNTMPHNIDFHSATGALGGGALTLINPGEQVVLRWKATRTGVFVYHCAPGGPMIPWHVVSGMNGAVMVLPRDGLNDG
HGHSLRYDRIYYIGEQDLYVPRDEKGNFKSYDSPGEAYSDTEEVMRKLTPTHVVFNGKAGALTGKNALNANVGENVLIVH
SQANRDSRPHLIGGHGDYVWETGKFSNAPETGLETWFIRGGSAGAALYKFLQPGIYAYVTHNLIEAANLGATAHFKVEGK
WNDDLMTQVKAPADIPTGSTNENLYFQG
;
_entity_poly.pdbx_strand_id   A
#
loop_
_chem_comp.id
_chem_comp.type
_chem_comp.name
_chem_comp.formula
CU non-polymer 'COPPER (II) ION' 'Cu 2'
EPE non-polymer '4-(2-HYDROXYETHYL)-1-PIPERAZINE ETHANESULFONIC ACID' 'C8 H18 N2 O4 S'
FRU D-saccharide, beta linking beta-D-fructofuranose 'C6 H12 O6'
GLC D-saccharide, alpha linking alpha-D-glucopyranose 'C6 H12 O6'
SO4 non-polymer 'SULFATE ION' 'O4 S -2'
#
# COMPACT_ATOMS: atom_id res chain seq x y z
N ASP A 3 -27.22 -16.76 14.94
CA ASP A 3 -27.49 -16.29 16.33
C ASP A 3 -26.74 -14.99 16.64
N LEU A 4 -26.14 -14.37 15.62
CA LEU A 4 -25.55 -13.06 15.84
C LEU A 4 -26.48 -11.98 15.30
N LYS A 5 -27.12 -11.23 16.20
CA LYS A 5 -28.25 -10.37 15.88
C LYS A 5 -27.82 -8.91 15.90
N LEU A 6 -27.29 -8.43 14.76
CA LEU A 6 -26.77 -7.08 14.62
C LEU A 6 -27.17 -6.53 13.25
N PRO A 7 -27.30 -5.20 13.09
CA PRO A 7 -27.54 -4.60 11.78
C PRO A 7 -26.46 -5.10 10.82
N ARG A 8 -26.83 -5.38 9.58
CA ARG A 8 -25.86 -5.67 8.53
C ARG A 8 -25.68 -4.44 7.66
N GLN A 9 -24.49 -4.26 7.06
CA GLN A 9 -24.27 -3.18 6.09
C GLN A 9 -23.30 -3.66 5.02
N ARG A 10 -23.74 -3.55 3.75
CA ARG A 10 -22.95 -3.93 2.59
C ARG A 10 -22.04 -2.75 2.28
N VAL A 11 -20.77 -3.01 1.97
CA VAL A 11 -19.83 -1.97 1.61
C VAL A 11 -19.42 -2.24 0.18
N ASP A 12 -19.40 -1.19 -0.65
CA ASP A 12 -18.84 -1.30 -1.99
C ASP A 12 -17.39 -0.83 -1.98
N LEU A 13 -16.47 -1.73 -2.29
CA LEU A 13 -15.06 -1.37 -2.33
C LEU A 13 -14.73 -0.57 -3.60
N VAL A 14 -13.64 0.18 -3.54
CA VAL A 14 -13.16 0.87 -4.71
C VAL A 14 -11.70 0.51 -4.93
N ALA A 15 -11.22 0.82 -6.15
CA ALA A 15 -9.86 0.50 -6.55
C ALA A 15 -8.87 1.44 -5.88
N PRO A 16 -7.76 0.91 -5.32
CA PRO A 16 -6.73 1.76 -4.76
CA PRO A 16 -6.74 1.78 -4.76
C PRO A 16 -6.21 2.73 -5.84
N PRO A 17 -5.61 3.90 -5.50
CA PRO A 17 -5.30 4.30 -4.13
C PRO A 17 -6.44 4.97 -3.36
N PHE A 18 -7.65 4.99 -3.95
CA PHE A 18 -8.80 5.60 -3.30
C PHE A 18 -9.37 4.60 -2.30
N VAL A 19 -10.25 5.05 -1.41
CA VAL A 19 -10.77 4.22 -0.33
C VAL A 19 -12.28 4.44 -0.24
N HIS A 20 -13.04 3.37 0.08
CA HIS A 20 -14.49 3.52 0.11
C HIS A 20 -14.89 4.50 1.22
N VAL A 21 -16.07 5.13 1.06
CA VAL A 21 -16.62 6.10 2.01
C VAL A 21 -16.82 5.46 3.37
N HIS A 22 -16.48 6.18 4.46
CA HIS A 22 -16.62 5.68 5.82
C HIS A 22 -16.61 6.89 6.73
N GLU A 23 -17.00 6.69 7.99
CA GLU A 23 -16.94 7.75 8.98
C GLU A 23 -15.68 7.52 9.79
N GLN A 24 -15.09 8.57 10.34
CA GLN A 24 -13.92 8.43 11.21
C GLN A 24 -14.40 8.09 12.62
N ALA A 25 -14.96 9.08 13.32
CA ALA A 25 -15.58 8.85 14.61
C ALA A 25 -17.01 8.40 14.34
N THR A 26 -17.56 7.50 15.18
CA THR A 26 -18.92 7.02 14.99
C THR A 26 -19.60 6.81 16.35
N LYS A 27 -20.90 7.06 16.42
CA LYS A 27 -21.66 6.78 17.63
C LYS A 27 -22.58 5.59 17.37
N GLN A 28 -22.49 5.06 16.14
CA GLN A 28 -23.21 3.85 15.82
C GLN A 28 -22.61 2.72 16.65
N GLY A 29 -23.44 1.75 17.05
CA GLY A 29 -22.99 0.54 17.70
C GLY A 29 -22.28 -0.41 16.73
N PRO A 30 -21.86 -1.62 17.21
CA PRO A 30 -21.26 -2.62 16.32
C PRO A 30 -22.20 -3.12 15.22
N LYS A 31 -21.67 -3.24 13.99
CA LYS A 31 -22.43 -3.80 12.88
C LYS A 31 -21.72 -5.03 12.30
N ILE A 32 -22.47 -5.82 11.52
CA ILE A 32 -21.82 -6.75 10.62
C ILE A 32 -21.56 -6.05 9.28
N MET A 33 -20.27 -5.90 8.91
CA MET A 33 -19.89 -5.19 7.70
C MET A 33 -19.57 -6.23 6.62
N GLU A 34 -20.25 -6.13 5.46
CA GLU A 34 -20.20 -7.22 4.48
C GLU A 34 -19.46 -6.73 3.25
N PHE A 35 -18.41 -7.50 2.90
CA PHE A 35 -17.51 -7.17 1.80
C PHE A 35 -17.44 -8.39 0.89
N LYS A 36 -17.21 -8.15 -0.39
CA LYS A 36 -17.01 -9.25 -1.31
C LYS A 36 -15.71 -9.05 -2.08
N LEU A 37 -14.91 -10.12 -2.14
CA LEU A 37 -13.67 -10.11 -2.91
C LEU A 37 -13.73 -11.23 -3.95
N VAL A 38 -13.36 -10.90 -5.18
CA VAL A 38 -13.34 -11.91 -6.22
C VAL A 38 -11.92 -12.03 -6.74
N VAL A 39 -11.40 -13.26 -6.78
CA VAL A 39 -10.05 -13.46 -7.29
C VAL A 39 -10.02 -13.28 -8.81
N GLN A 40 -8.97 -12.62 -9.32
CA GLN A 40 -8.78 -12.56 -10.76
C GLN A 40 -7.31 -12.82 -11.11
N GLU A 41 -7.08 -13.85 -11.93
CA GLU A 41 -5.78 -14.17 -12.50
C GLU A 41 -5.71 -13.49 -13.86
N LYS A 42 -4.69 -12.66 -14.15
CA LYS A 42 -4.61 -12.07 -15.48
C LYS A 42 -3.24 -11.49 -15.74
N LYS A 43 -2.91 -11.29 -17.03
CA LYS A 43 -1.65 -10.68 -17.39
C LYS A 43 -1.81 -9.17 -17.14
N MET A 44 -0.78 -8.53 -16.56
CA MET A 44 -0.81 -7.08 -16.34
C MET A 44 0.52 -6.47 -16.78
N VAL A 45 0.49 -5.20 -17.17
CA VAL A 45 1.71 -4.47 -17.45
C VAL A 45 2.23 -3.88 -16.14
N ILE A 46 3.55 -3.97 -15.91
CA ILE A 46 4.10 -3.59 -14.60
C ILE A 46 5.19 -2.54 -14.72
N ASP A 47 5.65 -2.20 -15.95
CA ASP A 47 6.65 -1.13 -16.04
C ASP A 47 6.43 -0.22 -17.25
N GLU A 48 7.24 0.84 -17.38
CA GLU A 48 7.00 1.89 -18.37
C GLU A 48 7.47 1.45 -19.76
N LYS A 49 8.19 0.31 -19.82
CA LYS A 49 8.66 -0.22 -21.10
C LYS A 49 7.70 -1.30 -21.58
N GLY A 50 6.64 -1.51 -20.80
CA GLY A 50 5.57 -2.38 -21.26
C GLY A 50 5.78 -3.83 -20.84
N THR A 51 6.72 -4.11 -19.93
CA THR A 51 6.91 -5.49 -19.48
C THR A 51 5.60 -6.05 -18.90
N THR A 52 5.27 -7.32 -19.21
CA THR A 52 4.06 -7.89 -18.67
C THR A 52 4.40 -9.01 -17.71
N PHE A 53 3.38 -9.42 -16.95
CA PHE A 53 3.55 -10.29 -15.80
C PHE A 53 2.26 -11.06 -15.57
N GLN A 54 2.38 -12.34 -15.20
CA GLN A 54 1.22 -13.12 -14.88
C GLN A 54 0.78 -12.85 -13.44
N ALA A 55 -0.24 -12.02 -13.27
CA ALA A 55 -0.58 -11.55 -11.95
C ALA A 55 -1.73 -12.37 -11.39
N MET A 56 -1.83 -12.40 -10.06
CA MET A 56 -3.00 -12.91 -9.38
CA MET A 56 -2.99 -12.93 -9.34
C MET A 56 -3.46 -11.86 -8.38
N THR A 57 -4.76 -11.48 -8.46
CA THR A 57 -5.25 -10.34 -7.71
C THR A 57 -6.54 -10.66 -6.96
N PHE A 58 -6.81 -9.82 -5.96
CA PHE A 58 -8.15 -9.65 -5.40
C PHE A 58 -8.79 -8.44 -6.09
N ASN A 59 -9.98 -8.65 -6.67
CA ASN A 59 -10.74 -7.58 -7.34
C ASN A 59 -10.02 -6.92 -8.51
N GLY A 60 -9.06 -7.61 -9.13
CA GLY A 60 -8.44 -7.13 -10.35
C GLY A 60 -7.32 -6.12 -10.14
N SER A 61 -7.02 -5.76 -8.88
CA SER A 61 -6.05 -4.69 -8.64
C SER A 61 -4.89 -5.20 -7.79
N MET A 62 -3.70 -4.58 -7.95
CA MET A 62 -2.61 -4.73 -7.00
C MET A 62 -2.34 -3.33 -6.45
N PRO A 63 -2.47 -3.06 -5.13
CA PRO A 63 -2.94 -4.05 -4.15
C PRO A 63 -4.44 -4.28 -4.28
N GLY A 64 -4.92 -5.28 -3.52
CA GLY A 64 -6.33 -5.43 -3.20
C GLY A 64 -6.88 -4.15 -2.54
N PRO A 65 -8.21 -3.94 -2.59
CA PRO A 65 -8.84 -2.79 -1.95
C PRO A 65 -8.62 -2.70 -0.45
N LEU A 66 -8.60 -1.47 0.05
CA LEU A 66 -8.58 -1.20 1.47
C LEU A 66 -9.99 -1.33 2.03
N MET A 67 -10.12 -2.13 3.08
CA MET A 67 -11.39 -2.28 3.75
C MET A 67 -11.31 -1.51 5.07
N VAL A 68 -12.36 -0.75 5.41
CA VAL A 68 -12.35 0.09 6.60
C VAL A 68 -13.55 -0.27 7.46
N VAL A 69 -13.30 -0.58 8.74
CA VAL A 69 -14.33 -0.88 9.74
C VAL A 69 -13.90 -0.23 11.06
N HIS A 70 -14.75 -0.30 12.10
CA HIS A 70 -14.47 0.23 13.42
C HIS A 70 -14.29 -0.92 14.40
N GLU A 71 -13.50 -0.67 15.47
CA GLU A 71 -13.27 -1.64 16.54
C GLU A 71 -14.61 -2.20 17.03
N GLY A 72 -14.72 -3.54 17.15
CA GLY A 72 -15.93 -4.16 17.64
C GLY A 72 -16.87 -4.60 16.53
N ASP A 73 -16.64 -4.13 15.29
CA ASP A 73 -17.47 -4.54 14.17
C ASP A 73 -17.16 -6.01 13.93
N TYR A 74 -18.11 -6.70 13.27
CA TYR A 74 -17.85 -8.01 12.70
C TYR A 74 -17.70 -7.85 11.20
N VAL A 75 -16.71 -8.54 10.62
CA VAL A 75 -16.42 -8.39 9.22
C VAL A 75 -16.77 -9.70 8.55
N GLU A 76 -17.68 -9.63 7.58
CA GLU A 76 -18.10 -10.82 6.91
C GLU A 76 -17.68 -10.73 5.46
N VAL A 77 -16.76 -11.61 5.06
CA VAL A 77 -16.18 -11.48 3.74
C VAL A 77 -16.65 -12.68 2.94
N THR A 78 -17.19 -12.43 1.75
CA THR A 78 -17.41 -13.45 0.75
C THR A 78 -16.23 -13.46 -0.19
N LEU A 79 -15.52 -14.60 -0.31
CA LEU A 79 -14.43 -14.73 -1.25
C LEU A 79 -14.90 -15.59 -2.43
N VAL A 80 -14.68 -15.11 -3.65
CA VAL A 80 -15.19 -15.80 -4.82
C VAL A 80 -14.01 -16.16 -5.69
N ASN A 81 -13.92 -17.43 -6.12
CA ASN A 81 -12.90 -17.89 -7.05
C ASN A 81 -13.60 -18.39 -8.33
N PRO A 82 -13.84 -17.52 -9.33
CA PRO A 82 -14.54 -17.92 -10.56
C PRO A 82 -13.85 -19.04 -11.33
N ALA A 83 -14.64 -19.76 -12.14
CA ALA A 83 -14.18 -20.97 -12.81
C ALA A 83 -13.24 -20.65 -13.96
N THR A 84 -13.08 -19.36 -14.31
CA THR A 84 -12.05 -18.91 -15.25
C THR A 84 -10.63 -18.97 -14.66
N ASN A 85 -10.50 -19.01 -13.33
CA ASN A 85 -9.19 -19.13 -12.70
C ASN A 85 -8.72 -20.59 -12.74
N THR A 86 -7.41 -20.80 -12.49
CA THR A 86 -6.79 -22.10 -12.70
C THR A 86 -6.33 -22.75 -11.39
N MET A 87 -6.30 -21.99 -10.31
CA MET A 87 -5.69 -22.46 -9.08
CA MET A 87 -5.66 -22.40 -9.06
C MET A 87 -6.65 -22.23 -7.92
N PRO A 88 -6.50 -23.01 -6.81
CA PRO A 88 -7.16 -22.70 -5.55
C PRO A 88 -6.56 -21.45 -4.93
N HIS A 89 -7.39 -20.69 -4.18
CA HIS A 89 -6.95 -19.50 -3.46
C HIS A 89 -7.69 -19.44 -2.13
N ASN A 90 -7.22 -18.60 -1.20
CA ASN A 90 -7.90 -18.40 0.06
C ASN A 90 -7.60 -16.96 0.51
N ILE A 91 -7.88 -16.66 1.77
CA ILE A 91 -7.56 -15.32 2.28
C ILE A 91 -7.25 -15.43 3.77
N ASP A 92 -6.20 -14.73 4.23
CA ASP A 92 -5.83 -14.61 5.63
C ASP A 92 -5.73 -13.13 6.00
N PHE A 93 -6.38 -12.74 7.09
CA PHE A 93 -6.36 -11.38 7.58
C PHE A 93 -5.43 -11.30 8.80
N HIS A 94 -4.44 -10.40 8.79
CA HIS A 94 -3.62 -10.22 10.00
C HIS A 94 -4.38 -9.56 11.15
N SER A 95 -5.54 -8.96 10.86
CA SER A 95 -6.39 -8.34 11.87
C SER A 95 -7.22 -9.36 12.66
N ALA A 96 -7.31 -10.60 12.18
CA ALA A 96 -8.25 -11.59 12.70
C ALA A 96 -7.54 -12.56 13.64
N THR A 97 -8.31 -13.26 14.49
CA THR A 97 -7.71 -14.21 15.43
C THR A 97 -8.19 -15.66 15.19
N GLY A 98 -7.23 -16.56 14.96
CA GLY A 98 -7.46 -17.99 14.78
C GLY A 98 -7.38 -18.45 13.32
N ALA A 99 -7.18 -19.77 13.16
CA ALA A 99 -7.29 -20.50 11.90
C ALA A 99 -6.38 -19.87 10.85
N LEU A 100 -5.14 -19.55 11.24
CA LEU A 100 -4.19 -18.92 10.36
C LEU A 100 -4.76 -17.64 9.71
N GLY A 101 -5.49 -16.85 10.51
CA GLY A 101 -6.04 -15.57 10.13
C GLY A 101 -7.25 -15.75 9.21
N GLY A 102 -7.68 -17.01 9.07
CA GLY A 102 -8.83 -17.43 8.31
C GLY A 102 -8.42 -18.25 7.10
N GLY A 103 -7.10 -18.37 6.87
CA GLY A 103 -6.60 -19.13 5.72
C GLY A 103 -7.08 -20.58 5.76
N ALA A 104 -7.14 -21.12 6.99
CA ALA A 104 -7.49 -22.51 7.20
C ALA A 104 -8.98 -22.75 6.99
N LEU A 105 -9.80 -21.68 6.78
CA LEU A 105 -11.23 -21.86 6.60
C LEU A 105 -11.72 -21.40 5.21
N THR A 106 -10.82 -20.97 4.31
CA THR A 106 -11.27 -20.20 3.16
C THR A 106 -10.71 -20.75 1.85
N LEU A 107 -10.11 -21.96 1.89
CA LEU A 107 -9.52 -22.52 0.68
C LEU A 107 -10.64 -22.91 -0.30
N ILE A 108 -10.67 -22.33 -1.51
CA ILE A 108 -11.72 -22.56 -2.52
C ILE A 108 -11.10 -22.86 -3.87
N ASN A 109 -11.65 -23.88 -4.53
CA ASN A 109 -11.26 -24.23 -5.89
C ASN A 109 -11.98 -23.30 -6.88
N PRO A 110 -11.53 -23.21 -8.13
CA PRO A 110 -12.24 -22.40 -9.14
C PRO A 110 -13.67 -22.90 -9.23
N GLY A 111 -14.64 -21.97 -9.25
CA GLY A 111 -16.04 -22.29 -9.36
C GLY A 111 -16.69 -22.27 -7.98
N GLU A 112 -15.92 -21.91 -6.93
CA GLU A 112 -16.48 -21.96 -5.59
C GLU A 112 -16.37 -20.62 -4.89
N GLN A 113 -17.14 -20.49 -3.81
CA GLN A 113 -17.08 -19.32 -2.95
C GLN A 113 -17.22 -19.74 -1.49
N VAL A 114 -16.80 -18.86 -0.57
CA VAL A 114 -16.85 -19.13 0.86
C VAL A 114 -17.11 -17.84 1.59
N VAL A 115 -17.74 -17.96 2.78
CA VAL A 115 -18.07 -16.79 3.59
C VAL A 115 -17.40 -16.98 4.96
N LEU A 116 -16.56 -16.00 5.35
CA LEU A 116 -15.88 -16.02 6.64
C LEU A 116 -16.32 -14.78 7.43
N ARG A 117 -16.53 -14.94 8.74
CA ARG A 117 -16.77 -13.81 9.62
C ARG A 117 -15.70 -13.70 10.69
N TRP A 118 -15.15 -12.49 10.90
CA TRP A 118 -14.19 -12.30 11.98
C TRP A 118 -14.50 -11.04 12.77
N LYS A 119 -14.18 -11.04 14.05
CA LYS A 119 -14.45 -9.85 14.83
C LYS A 119 -13.24 -8.93 14.85
N ALA A 120 -13.48 -7.62 14.63
CA ALA A 120 -12.40 -6.63 14.56
C ALA A 120 -12.05 -6.13 15.96
N THR A 121 -11.27 -6.92 16.72
CA THR A 121 -10.93 -6.66 18.12
C THR A 121 -9.66 -5.82 18.27
N ARG A 122 -8.86 -5.61 17.22
CA ARG A 122 -7.60 -4.88 17.36
C ARG A 122 -7.55 -3.73 16.35
N THR A 123 -7.21 -2.52 16.84
CA THR A 123 -7.24 -1.32 16.00
C THR A 123 -5.91 -1.18 15.27
N GLY A 124 -6.00 -0.61 14.06
CA GLY A 124 -4.79 -0.35 13.29
C GLY A 124 -5.04 -0.69 11.83
N VAL A 125 -3.97 -0.62 11.05
CA VAL A 125 -3.97 -1.08 9.67
C VAL A 125 -3.27 -2.44 9.64
N PHE A 126 -3.76 -3.38 8.82
CA PHE A 126 -3.23 -4.74 8.80
C PHE A 126 -3.23 -5.24 7.38
N VAL A 127 -2.33 -6.19 7.10
CA VAL A 127 -2.26 -6.78 5.77
C VAL A 127 -3.30 -7.91 5.69
N TYR A 128 -3.84 -8.14 4.48
CA TYR A 128 -4.53 -9.40 4.18
C TYR A 128 -3.87 -9.97 2.93
N HIS A 129 -3.77 -11.32 2.83
CA HIS A 129 -3.15 -11.88 1.64
C HIS A 129 -3.63 -13.32 1.45
N CYS A 130 -3.49 -13.83 0.23
CA CYS A 130 -3.71 -15.26 -0.06
C CYS A 130 -2.59 -16.07 0.62
N ALA A 131 -2.91 -17.28 1.07
CA ALA A 131 -1.91 -18.18 1.66
C ALA A 131 -2.33 -19.64 1.48
N PRO A 132 -2.28 -20.21 0.25
CA PRO A 132 -2.80 -21.56 0.01
C PRO A 132 -2.09 -22.71 0.74
N GLY A 133 -0.83 -22.52 1.13
CA GLY A 133 -0.04 -23.54 1.82
C GLY A 133 1.33 -23.75 1.16
N GLY A 134 2.38 -23.96 1.97
CA GLY A 134 3.70 -24.31 1.45
C GLY A 134 4.29 -23.23 0.54
N PRO A 135 5.07 -23.59 -0.52
CA PRO A 135 5.69 -22.60 -1.43
C PRO A 135 4.65 -21.81 -2.23
N MET A 136 3.40 -22.28 -2.23
CA MET A 136 2.35 -21.50 -2.87
C MET A 136 2.19 -20.16 -2.16
N ILE A 137 2.52 -20.09 -0.87
CA ILE A 137 2.23 -18.88 -0.11
C ILE A 137 3.01 -17.69 -0.69
N PRO A 138 4.37 -17.69 -0.75
CA PRO A 138 5.10 -16.53 -1.25
C PRO A 138 4.73 -16.25 -2.69
N TRP A 139 4.47 -17.32 -3.45
CA TRP A 139 4.20 -17.15 -4.87
C TRP A 139 2.90 -16.38 -5.13
N HIS A 140 1.81 -16.74 -4.43
CA HIS A 140 0.55 -16.00 -4.52
C HIS A 140 0.73 -14.55 -4.10
N VAL A 141 1.46 -14.31 -3.00
CA VAL A 141 1.58 -12.96 -2.46
C VAL A 141 2.40 -12.08 -3.39
N VAL A 142 3.50 -12.61 -3.93
CA VAL A 142 4.34 -11.75 -4.74
C VAL A 142 3.79 -11.67 -6.16
N SER A 143 2.72 -12.43 -6.46
CA SER A 143 2.06 -12.36 -7.74
C SER A 143 0.95 -11.33 -7.65
N GLY A 144 0.70 -10.79 -6.44
CA GLY A 144 -0.19 -9.64 -6.34
C GLY A 144 -1.34 -9.82 -5.36
N MET A 145 -1.44 -10.98 -4.69
CA MET A 145 -2.65 -11.24 -3.92
C MET A 145 -2.51 -10.80 -2.46
N ASN A 146 -2.64 -9.50 -2.22
CA ASN A 146 -2.45 -8.92 -0.91
C ASN A 146 -3.04 -7.52 -0.95
N GLY A 147 -3.58 -7.07 0.17
CA GLY A 147 -4.22 -5.78 0.36
C GLY A 147 -4.16 -5.45 1.83
N ALA A 148 -5.06 -4.56 2.29
CA ALA A 148 -5.02 -4.15 3.68
C ALA A 148 -6.42 -3.86 4.22
N VAL A 149 -6.52 -3.87 5.54
CA VAL A 149 -7.75 -3.50 6.23
CA VAL A 149 -7.73 -3.55 6.29
C VAL A 149 -7.39 -2.47 7.30
N MET A 150 -8.27 -1.49 7.50
CA MET A 150 -8.03 -0.52 8.56
C MET A 150 -9.17 -0.68 9.56
N VAL A 151 -8.83 -0.84 10.84
CA VAL A 151 -9.82 -0.92 11.88
C VAL A 151 -9.66 0.32 12.74
N LEU A 152 -10.62 1.26 12.65
CA LEU A 152 -10.50 2.53 13.32
C LEU A 152 -11.04 2.40 14.73
N PRO A 153 -10.49 3.15 15.72
CA PRO A 153 -11.15 3.29 17.02
C PRO A 153 -12.50 3.96 16.78
N ARG A 154 -13.47 3.70 17.66
CA ARG A 154 -14.82 4.29 17.52
C ARG A 154 -14.77 5.82 17.64
N ASP A 155 -13.83 6.35 18.44
CA ASP A 155 -13.66 7.80 18.58
C ASP A 155 -12.75 8.41 17.51
N GLY A 156 -12.29 7.60 16.55
CA GLY A 156 -11.40 8.07 15.48
C GLY A 156 -9.95 8.07 15.99
N LEU A 157 -9.01 8.58 15.19
CA LEU A 157 -7.61 8.64 15.59
C LEU A 157 -7.38 9.68 16.68
N ASN A 158 -6.32 9.45 17.48
CA ASN A 158 -5.86 10.44 18.42
C ASN A 158 -4.34 10.47 18.44
N ASP A 159 -3.76 11.48 19.08
CA ASP A 159 -2.32 11.73 19.02
C ASP A 159 -1.60 11.05 20.18
N GLY A 160 -2.32 10.28 21.00
CA GLY A 160 -1.70 9.55 22.10
C GLY A 160 -1.53 10.39 23.36
N HIS A 161 -1.96 11.66 23.33
CA HIS A 161 -1.89 12.58 24.46
C HIS A 161 -3.28 13.18 24.68
N GLY A 162 -4.30 12.43 24.25
CA GLY A 162 -5.71 12.74 24.42
C GLY A 162 -6.19 13.92 23.55
N HIS A 163 -5.59 14.16 22.37
CA HIS A 163 -6.17 15.09 21.40
C HIS A 163 -6.58 14.33 20.13
N SER A 164 -7.79 14.64 19.63
CA SER A 164 -8.32 14.02 18.43
CA SER A 164 -8.29 13.97 18.44
C SER A 164 -7.49 14.40 17.20
N LEU A 165 -7.35 13.45 16.25
CA LEU A 165 -6.71 13.67 14.95
C LEU A 165 -7.73 13.36 13.86
N ARG A 166 -7.91 14.25 12.90
CA ARG A 166 -8.85 13.92 11.82
C ARG A 166 -8.19 14.13 10.46
N TYR A 167 -8.44 13.22 9.50
CA TYR A 167 -7.84 13.42 8.19
C TYR A 167 -8.90 14.01 7.27
N ASP A 168 -8.45 14.87 6.35
CA ASP A 168 -9.28 15.47 5.31
C ASP A 168 -9.36 14.54 4.09
N ARG A 169 -8.37 13.65 3.96
N ARG A 169 -8.30 13.76 3.83
CA ARG A 169 -8.14 12.89 2.74
CA ARG A 169 -8.39 12.77 2.76
C ARG A 169 -7.34 11.64 3.09
C ARG A 169 -7.51 11.60 3.18
N ILE A 170 -7.64 10.51 2.44
CA ILE A 170 -6.93 9.26 2.73
C ILE A 170 -6.53 8.60 1.42
N TYR A 171 -5.30 8.07 1.36
CA TYR A 171 -4.89 7.25 0.23
C TYR A 171 -4.26 5.96 0.75
N TYR A 172 -4.39 4.91 -0.07
CA TYR A 172 -3.79 3.62 0.24
C TYR A 172 -2.75 3.32 -0.83
N ILE A 173 -1.48 3.27 -0.42
CA ILE A 173 -0.37 2.91 -1.30
C ILE A 173 0.02 1.49 -0.95
N GLY A 174 -0.23 0.54 -1.86
CA GLY A 174 0.32 -0.79 -1.67
C GLY A 174 1.62 -0.93 -2.45
N GLU A 175 2.68 -1.38 -1.77
CA GLU A 175 3.94 -1.55 -2.47
C GLU A 175 4.11 -3.03 -2.80
N GLN A 176 4.59 -3.35 -4.01
CA GLN A 176 4.71 -4.73 -4.38
C GLN A 176 6.12 -4.98 -4.90
N ASP A 177 6.78 -6.01 -4.36
CA ASP A 177 8.03 -6.55 -4.91
C ASP A 177 7.67 -7.60 -5.95
N LEU A 178 8.29 -7.51 -7.13
CA LEU A 178 8.01 -8.49 -8.19
C LEU A 178 9.32 -9.16 -8.62
N TYR A 179 9.21 -10.41 -9.12
CA TYR A 179 10.34 -11.28 -9.44
C TYR A 179 10.17 -11.80 -10.86
N VAL A 180 10.61 -11.04 -11.87
CA VAL A 180 10.34 -11.38 -13.27
C VAL A 180 11.57 -12.08 -13.87
N PRO A 181 11.43 -13.33 -14.36
CA PRO A 181 12.56 -14.02 -15.00
C PRO A 181 13.09 -13.31 -16.24
N ARG A 182 14.42 -13.45 -16.47
CA ARG A 182 15.06 -12.91 -17.66
CA ARG A 182 15.08 -12.91 -17.63
C ARG A 182 15.61 -14.05 -18.52
N ASP A 183 15.69 -13.78 -19.82
CA ASP A 183 16.31 -14.71 -20.79
C ASP A 183 17.84 -14.55 -20.76
N GLU A 184 18.54 -15.37 -21.54
CA GLU A 184 20.01 -15.38 -21.53
C GLU A 184 20.56 -13.97 -21.73
N LYS A 185 19.91 -13.17 -22.59
CA LYS A 185 20.39 -11.86 -23.01
C LYS A 185 19.98 -10.75 -22.04
N GLY A 186 19.26 -11.08 -20.96
CA GLY A 186 18.86 -10.11 -19.96
C GLY A 186 17.47 -9.49 -20.21
N ASN A 187 16.73 -10.00 -21.21
CA ASN A 187 15.41 -9.44 -21.51
C ASN A 187 14.41 -10.14 -20.61
N PHE A 188 13.36 -9.43 -20.16
CA PHE A 188 12.33 -10.06 -19.36
C PHE A 188 11.52 -11.06 -20.17
N LYS A 189 11.23 -12.23 -19.57
CA LYS A 189 10.50 -13.28 -20.28
C LYS A 189 9.00 -13.11 -20.09
N SER A 190 8.22 -13.57 -21.10
CA SER A 190 6.75 -13.58 -21.09
CA SER A 190 6.76 -13.59 -21.04
C SER A 190 6.24 -15.02 -21.07
N TYR A 191 5.08 -15.24 -20.42
CA TYR A 191 4.44 -16.54 -20.23
C TYR A 191 2.96 -16.45 -20.58
N ASP A 192 2.33 -17.60 -20.86
CA ASP A 192 0.94 -17.62 -21.28
C ASP A 192 0.03 -17.96 -20.10
N SER A 193 0.63 -18.41 -19.00
CA SER A 193 -0.16 -18.69 -17.81
C SER A 193 0.71 -18.55 -16.55
N PRO A 194 0.07 -18.33 -15.40
CA PRO A 194 0.78 -18.30 -14.10
C PRO A 194 1.55 -19.61 -13.87
N GLY A 195 0.83 -20.73 -14.03
CA GLY A 195 1.40 -22.08 -13.98
C GLY A 195 2.74 -22.17 -14.73
N GLU A 196 2.78 -21.65 -15.97
CA GLU A 196 3.96 -21.74 -16.81
C GLU A 196 5.13 -20.88 -16.34
N ALA A 197 4.84 -19.73 -15.68
CA ALA A 197 5.83 -18.80 -15.20
C ALA A 197 6.50 -19.34 -13.93
N TYR A 198 5.87 -20.34 -13.29
CA TYR A 198 6.15 -20.68 -11.91
C TYR A 198 7.62 -21.03 -11.69
N SER A 199 8.12 -22.01 -12.45
CA SER A 199 9.42 -22.59 -12.11
C SER A 199 10.53 -21.53 -12.27
N ASP A 200 10.47 -20.74 -13.34
CA ASP A 200 11.46 -19.69 -13.57
C ASP A 200 11.34 -18.58 -12.51
N THR A 201 10.11 -18.29 -12.07
CA THR A 201 9.86 -17.24 -11.08
C THR A 201 10.43 -17.65 -9.73
N GLU A 202 10.18 -18.91 -9.34
CA GLU A 202 10.72 -19.47 -8.10
C GLU A 202 12.24 -19.29 -8.04
N GLU A 203 12.96 -19.52 -9.14
CA GLU A 203 14.41 -19.36 -9.15
C GLU A 203 14.81 -17.91 -8.86
N VAL A 204 14.04 -16.95 -9.38
CA VAL A 204 14.34 -15.54 -9.12
C VAL A 204 14.01 -15.21 -7.66
N MET A 205 12.88 -15.71 -7.14
CA MET A 205 12.46 -15.40 -5.77
C MET A 205 13.54 -15.90 -4.78
N ARG A 206 14.12 -17.08 -5.05
CA ARG A 206 15.08 -17.71 -4.14
C ARG A 206 16.29 -16.78 -3.89
N LYS A 207 16.63 -15.90 -4.84
CA LYS A 207 17.75 -14.98 -4.64
C LYS A 207 17.38 -13.69 -3.92
N LEU A 208 16.08 -13.51 -3.64
CA LEU A 208 15.54 -12.51 -2.72
C LEU A 208 15.64 -11.07 -3.27
N THR A 209 16.08 -10.87 -4.52
CA THR A 209 16.25 -9.53 -5.09
C THR A 209 15.13 -9.30 -6.10
N PRO A 210 14.22 -8.32 -5.89
CA PRO A 210 13.13 -8.11 -6.85
C PRO A 210 13.68 -7.48 -8.12
N THR A 211 12.97 -7.70 -9.26
CA THR A 211 13.27 -7.01 -10.51
C THR A 211 12.52 -5.68 -10.58
N HIS A 212 11.39 -5.57 -9.86
CA HIS A 212 10.60 -4.36 -9.86
C HIS A 212 10.07 -4.17 -8.45
N VAL A 213 9.87 -2.91 -8.06
CA VAL A 213 9.25 -2.53 -6.82
C VAL A 213 8.28 -1.39 -7.20
N VAL A 214 6.98 -1.64 -7.08
CA VAL A 214 6.01 -0.76 -7.71
C VAL A 214 4.95 -0.38 -6.69
N PHE A 215 4.33 0.79 -6.88
CA PHE A 215 3.20 1.18 -6.06
C PHE A 215 1.97 1.09 -6.97
N ASN A 216 0.85 0.64 -6.39
CA ASN A 216 -0.41 0.51 -7.10
C ASN A 216 -0.23 -0.29 -8.39
N GLY A 217 0.67 -1.29 -8.39
CA GLY A 217 0.68 -2.31 -9.43
C GLY A 217 1.58 -2.05 -10.63
N LYS A 218 2.12 -0.82 -10.82
CA LYS A 218 3.06 -0.62 -11.92
CA LYS A 218 2.96 -0.53 -11.98
C LYS A 218 3.92 0.62 -11.69
N ALA A 219 5.08 0.60 -12.36
CA ALA A 219 5.97 1.76 -12.34
C ALA A 219 5.20 2.92 -12.96
N GLY A 220 5.20 4.11 -12.34
CA GLY A 220 4.52 5.28 -12.88
C GLY A 220 3.01 5.30 -12.65
N ALA A 221 2.47 4.30 -11.96
CA ALA A 221 1.03 4.25 -11.79
C ALA A 221 0.51 5.54 -11.13
N LEU A 222 1.28 6.13 -10.20
CA LEU A 222 0.75 7.26 -9.44
C LEU A 222 1.55 8.51 -9.78
N THR A 223 1.97 8.60 -11.04
CA THR A 223 2.70 9.76 -11.55
C THR A 223 1.91 10.29 -12.74
N GLY A 224 2.30 11.48 -13.24
CA GLY A 224 1.65 12.11 -14.39
C GLY A 224 0.20 12.45 -14.06
N LYS A 225 -0.72 11.96 -14.90
CA LYS A 225 -2.12 12.32 -14.79
C LYS A 225 -2.77 11.59 -13.62
N ASN A 226 -2.10 10.57 -13.06
CA ASN A 226 -2.67 9.89 -11.90
C ASN A 226 -1.93 10.28 -10.64
N ALA A 227 -1.27 11.43 -10.67
CA ALA A 227 -0.74 11.99 -9.43
C ALA A 227 -1.85 12.07 -8.38
N LEU A 228 -1.52 11.92 -7.08
CA LEU A 228 -2.47 12.09 -6.00
C LEU A 228 -2.68 13.59 -5.78
N ASN A 229 -3.88 13.99 -5.34
CA ASN A 229 -4.22 15.41 -5.22
C ASN A 229 -4.32 15.82 -3.75
N ALA A 230 -3.91 17.05 -3.43
CA ALA A 230 -4.13 17.61 -2.10
C ALA A 230 -4.08 19.12 -2.23
N ASN A 231 -4.28 19.81 -1.11
CA ASN A 231 -4.33 21.27 -1.02
C ASN A 231 -3.56 21.71 0.22
N VAL A 232 -2.88 22.87 0.11
CA VAL A 232 -2.20 23.41 1.30
C VAL A 232 -3.21 23.44 2.45
N GLY A 233 -2.79 23.03 3.66
CA GLY A 233 -3.68 23.05 4.80
C GLY A 233 -4.33 21.69 5.09
N GLU A 234 -4.39 20.77 4.11
CA GLU A 234 -5.12 19.53 4.36
C GLU A 234 -4.26 18.50 5.11
N ASN A 235 -4.91 17.78 6.02
CA ASN A 235 -4.35 16.66 6.77
C ASN A 235 -4.62 15.39 5.96
N VAL A 236 -3.56 14.76 5.42
CA VAL A 236 -3.72 13.60 4.57
C VAL A 236 -3.17 12.38 5.30
N LEU A 237 -3.98 11.33 5.35
CA LEU A 237 -3.56 10.04 5.87
C LEU A 237 -3.06 9.18 4.71
N ILE A 238 -1.82 8.67 4.81
CA ILE A 238 -1.34 7.75 3.78
C ILE A 238 -1.10 6.40 4.46
N VAL A 239 -1.87 5.40 4.04
CA VAL A 239 -1.72 4.02 4.51
C VAL A 239 -0.80 3.31 3.52
N HIS A 240 0.22 2.61 4.05
CA HIS A 240 1.23 1.99 3.20
C HIS A 240 1.36 0.54 3.66
N SER A 241 1.24 -0.42 2.75
CA SER A 241 1.40 -1.81 3.15
C SER A 241 2.49 -2.48 2.29
N GLN A 242 3.10 -3.54 2.84
CA GLN A 242 4.04 -4.34 2.09
C GLN A 242 3.91 -5.74 2.68
N ALA A 243 3.49 -6.71 1.90
CA ALA A 243 3.12 -8.02 2.47
C ALA A 243 4.34 -8.93 2.57
N ASN A 244 5.49 -8.55 1.97
CA ASN A 244 6.53 -9.57 1.82
C ASN A 244 7.92 -9.04 2.13
N ARG A 245 8.12 -7.73 1.97
CA ARG A 245 9.47 -7.15 2.04
C ARG A 245 9.39 -5.78 2.72
N ASP A 246 10.46 -5.34 3.35
CA ASP A 246 10.51 -4.06 4.04
C ASP A 246 10.46 -2.90 3.04
N SER A 247 9.95 -1.76 3.54
CA SER A 247 9.90 -0.50 2.79
C SER A 247 10.26 0.67 3.71
N ARG A 248 10.80 1.75 3.13
CA ARG A 248 11.14 2.95 3.92
C ARG A 248 10.53 4.22 3.28
N PRO A 249 9.21 4.44 3.49
CA PRO A 249 8.51 5.58 2.89
C PRO A 249 9.05 6.95 3.31
N HIS A 250 9.02 7.86 2.33
CA HIS A 250 9.57 9.20 2.49
C HIS A 250 8.78 10.15 1.58
N LEU A 251 8.27 11.24 2.16
CA LEU A 251 7.57 12.27 1.39
C LEU A 251 8.58 13.38 1.08
N ILE A 252 9.04 13.46 -0.18
CA ILE A 252 10.14 14.36 -0.54
C ILE A 252 9.62 15.79 -0.54
N GLY A 253 10.20 16.63 0.34
CA GLY A 253 9.68 17.98 0.51
C GLY A 253 8.75 18.11 1.72
N GLY A 254 8.37 16.97 2.34
CA GLY A 254 7.45 16.99 3.48
C GLY A 254 8.00 16.18 4.65
N HIS A 255 7.12 15.81 5.61
CA HIS A 255 7.51 15.00 6.77
C HIS A 255 6.36 14.05 7.07
N GLY A 256 6.57 13.16 8.05
CA GLY A 256 5.46 12.49 8.70
C GLY A 256 5.19 13.23 10.00
N ASP A 257 4.11 14.01 10.02
CA ASP A 257 3.68 14.72 11.23
C ASP A 257 3.40 13.73 12.36
N TYR A 258 2.58 12.75 12.06
CA TYR A 258 2.26 11.72 13.03
C TYR A 258 2.37 10.38 12.34
N VAL A 259 3.25 9.49 12.83
CA VAL A 259 3.47 8.25 12.12
C VAL A 259 3.25 7.05 13.04
N TRP A 260 2.41 6.09 12.61
CA TRP A 260 2.29 4.79 13.28
C TRP A 260 3.02 3.76 12.39
N GLU A 261 4.35 3.60 12.61
CA GLU A 261 5.09 2.91 11.57
CA GLU A 261 5.21 2.88 11.70
C GLU A 261 4.77 1.41 11.69
N THR A 262 4.54 0.88 12.91
CA THR A 262 4.08 -0.49 13.07
C THR A 262 2.56 -0.61 12.87
N GLY A 263 1.86 0.53 12.76
CA GLY A 263 0.55 0.59 12.13
C GLY A 263 -0.59 0.27 13.09
N LYS A 264 -0.34 0.39 14.41
CA LYS A 264 -1.33 -0.04 15.38
C LYS A 264 -1.71 1.12 16.30
N PHE A 265 -3.01 1.49 16.28
CA PHE A 265 -3.51 2.73 16.86
C PHE A 265 -3.57 2.71 18.39
N SER A 266 -3.30 1.57 19.03
CA SER A 266 -3.18 1.53 20.47
C SER A 266 -1.86 2.14 20.96
N ASN A 267 -0.92 2.41 20.04
CA ASN A 267 0.39 2.94 20.39
C ASN A 267 0.46 4.38 19.92
N ALA A 268 0.99 5.29 20.75
CA ALA A 268 1.07 6.70 20.39
C ALA A 268 1.93 6.82 19.14
N PRO A 269 1.60 7.72 18.18
CA PRO A 269 2.41 7.88 16.98
C PRO A 269 3.71 8.60 17.31
N GLU A 270 4.73 8.46 16.46
CA GLU A 270 5.91 9.31 16.49
C GLU A 270 5.64 10.59 15.69
N THR A 271 6.34 11.68 16.04
CA THR A 271 6.09 12.99 15.43
C THR A 271 7.30 13.45 14.63
N GLY A 272 7.04 14.04 13.44
CA GLY A 272 8.06 14.81 12.73
C GLY A 272 9.12 13.96 12.03
N LEU A 273 8.74 12.76 11.57
CA LEU A 273 9.71 11.83 10.99
C LEU A 273 10.11 12.29 9.59
N GLU A 274 11.35 11.98 9.18
CA GLU A 274 11.75 12.22 7.80
C GLU A 274 11.41 11.01 6.91
N THR A 275 11.81 9.82 7.37
CA THR A 275 11.61 8.55 6.67
C THR A 275 11.08 7.56 7.70
N TRP A 276 10.09 6.73 7.35
CA TRP A 276 9.62 5.73 8.30
C TRP A 276 9.83 4.32 7.75
N PHE A 277 9.40 3.27 8.48
CA PHE A 277 9.84 1.92 8.16
C PHE A 277 8.63 1.00 8.26
N ILE A 278 8.25 0.37 7.12
CA ILE A 278 7.19 -0.63 7.09
C ILE A 278 7.85 -2.00 7.03
N ARG A 279 7.66 -2.80 8.08
CA ARG A 279 8.25 -4.12 8.09
CA ARG A 279 8.17 -4.16 8.18
C ARG A 279 7.46 -5.03 7.14
N GLY A 280 8.19 -5.87 6.41
CA GLY A 280 7.53 -6.76 5.47
C GLY A 280 6.52 -7.58 6.27
N GLY A 281 5.30 -7.71 5.74
CA GLY A 281 4.22 -8.39 6.42
C GLY A 281 3.39 -7.46 7.31
N SER A 282 3.43 -6.17 6.98
CA SER A 282 2.65 -5.27 7.79
C SER A 282 2.22 -4.04 6.99
N ALA A 283 1.32 -3.30 7.64
CA ALA A 283 0.89 -1.98 7.19
C ALA A 283 1.23 -0.93 8.24
N GLY A 284 1.57 0.28 7.76
CA GLY A 284 1.79 1.47 8.56
C GLY A 284 0.91 2.64 8.07
N ALA A 285 0.79 3.68 8.88
CA ALA A 285 0.03 4.86 8.45
C ALA A 285 0.73 6.13 8.91
N ALA A 286 0.69 7.18 8.04
CA ALA A 286 1.28 8.45 8.39
C ALA A 286 0.32 9.59 8.03
N LEU A 287 0.21 10.56 8.96
N LEU A 287 0.23 10.61 8.90
CA LEU A 287 -0.49 11.82 8.74
CA LEU A 287 -0.63 11.78 8.68
C LEU A 287 0.51 12.90 8.33
C LEU A 287 0.22 13.03 8.55
N TYR A 288 0.05 13.77 7.43
CA TYR A 288 0.83 14.97 7.17
C TYR A 288 -0.12 16.12 6.77
N LYS A 289 0.16 17.32 7.29
CA LYS A 289 -0.56 18.52 6.86
C LYS A 289 0.31 19.30 5.88
N PHE A 290 -0.12 19.37 4.61
CA PHE A 290 0.65 20.08 3.59
C PHE A 290 0.73 21.57 3.92
N LEU A 291 1.96 22.10 3.82
CA LEU A 291 2.27 23.47 4.19
C LEU A 291 2.71 24.25 2.95
N GLN A 292 3.03 23.57 1.85
CA GLN A 292 3.58 24.24 0.68
C GLN A 292 2.95 23.60 -0.56
N PRO A 293 2.67 24.37 -1.64
CA PRO A 293 2.12 23.81 -2.88
C PRO A 293 3.24 23.19 -3.70
N GLY A 294 2.89 22.49 -4.77
CA GLY A 294 3.91 22.00 -5.69
C GLY A 294 3.88 20.47 -5.82
N ILE A 295 4.90 19.94 -6.50
CA ILE A 295 5.02 18.50 -6.67
C ILE A 295 5.80 17.93 -5.49
N TYR A 296 5.28 16.84 -4.94
CA TYR A 296 6.01 16.07 -3.95
CA TYR A 296 5.99 16.06 -3.93
C TYR A 296 6.14 14.66 -4.50
N ALA A 297 7.28 14.01 -4.20
CA ALA A 297 7.47 12.63 -4.60
C ALA A 297 7.33 11.81 -3.33
N TYR A 298 6.53 10.73 -3.39
CA TYR A 298 6.49 9.79 -2.28
C TYR A 298 7.23 8.53 -2.73
N VAL A 299 8.31 8.15 -2.01
CA VAL A 299 9.23 7.13 -2.50
C VAL A 299 9.52 6.15 -1.35
N THR A 300 10.04 4.98 -1.70
CA THR A 300 10.82 4.25 -0.71
C THR A 300 12.24 4.84 -0.78
N HIS A 301 12.88 5.09 0.36
CA HIS A 301 14.15 5.79 0.35
C HIS A 301 15.34 4.83 0.30
N ASN A 302 15.15 3.62 -0.29
CA ASN A 302 16.19 3.07 -1.18
C ASN A 302 16.02 3.68 -2.56
N LEU A 303 16.85 4.68 -2.87
CA LEU A 303 16.70 5.49 -4.08
C LEU A 303 16.93 4.66 -5.34
N ILE A 304 17.72 3.58 -5.25
CA ILE A 304 17.84 2.74 -6.45
C ILE A 304 16.45 2.17 -6.75
N GLU A 305 15.77 1.69 -5.72
CA GLU A 305 14.45 1.11 -5.97
C GLU A 305 13.48 2.20 -6.44
N ALA A 306 13.55 3.38 -5.83
CA ALA A 306 12.63 4.47 -6.19
C ALA A 306 12.75 4.92 -7.64
N ALA A 307 13.98 5.08 -8.14
CA ALA A 307 14.23 5.74 -9.41
C ALA A 307 14.35 4.68 -10.50
N ASN A 308 14.87 3.49 -10.16
CA ASN A 308 15.27 2.53 -11.19
C ASN A 308 14.36 1.27 -11.23
N LEU A 309 13.61 0.96 -10.16
N LEU A 309 13.63 0.96 -10.15
CA LEU A 309 12.83 -0.27 -10.13
CA LEU A 309 12.86 -0.28 -10.10
C LEU A 309 11.33 -0.01 -10.10
C LEU A 309 11.35 -0.01 -10.10
N GLY A 310 10.94 1.27 -9.93
CA GLY A 310 9.55 1.68 -10.09
C GLY A 310 8.82 2.35 -8.92
N ALA A 311 9.46 2.56 -7.74
CA ALA A 311 8.76 2.87 -6.50
C ALA A 311 8.78 4.37 -6.17
N THR A 312 8.09 5.16 -7.03
CA THR A 312 7.89 6.61 -6.90
C THR A 312 6.42 6.92 -7.23
N ALA A 313 5.72 7.63 -6.31
CA ALA A 313 4.42 8.23 -6.59
C ALA A 313 4.54 9.76 -6.51
N HIS A 314 3.60 10.48 -7.14
CA HIS A 314 3.61 11.94 -7.05
C HIS A 314 2.35 12.45 -6.34
N PHE A 315 2.51 13.48 -5.48
CA PHE A 315 1.39 14.32 -5.08
C PHE A 315 1.49 15.69 -5.76
N LYS A 316 0.35 16.19 -6.24
CA LYS A 316 0.26 17.54 -6.78
C LYS A 316 -0.56 18.40 -5.81
N VAL A 317 0.05 19.42 -5.21
CA VAL A 317 -0.60 20.11 -4.11
C VAL A 317 -0.81 21.57 -4.53
N GLU A 318 -2.07 22.02 -4.48
CA GLU A 318 -2.45 23.37 -4.88
C GLU A 318 -2.43 24.28 -3.66
N GLY A 319 -2.10 25.56 -3.90
CA GLY A 319 -2.06 26.54 -2.83
C GLY A 319 -1.00 27.60 -3.07
N LYS A 320 -0.70 28.40 -2.04
CA LYS A 320 0.20 29.54 -2.13
CA LYS A 320 0.21 29.51 -2.19
C LYS A 320 1.52 29.22 -1.47
N TRP A 321 2.63 29.60 -2.12
CA TRP A 321 3.98 29.31 -1.61
C TRP A 321 4.27 30.19 -0.40
N ASN A 322 4.95 29.64 0.63
CA ASN A 322 5.26 30.33 1.87
C ASN A 322 6.77 30.60 1.87
N ASP A 323 7.16 31.85 1.59
CA ASP A 323 8.56 32.22 1.45
C ASP A 323 9.29 32.26 2.80
N ASP A 324 8.55 32.28 3.89
CA ASP A 324 9.12 32.15 5.22
C ASP A 324 9.77 30.78 5.42
N LEU A 325 9.11 29.71 4.94
CA LEU A 325 9.57 28.34 5.17
C LEU A 325 10.77 28.07 4.28
N MET A 326 10.71 28.60 3.06
CA MET A 326 11.76 28.33 2.09
C MET A 326 11.72 29.36 0.96
N THR A 327 12.91 29.80 0.55
CA THR A 327 12.95 30.75 -0.55
C THR A 327 14.30 30.66 -1.24
N GLN A 328 14.25 30.96 -2.54
CA GLN A 328 15.47 31.06 -3.33
C GLN A 328 15.94 32.49 -3.19
N VAL A 329 17.01 32.70 -2.42
CA VAL A 329 17.51 34.04 -2.15
C VAL A 329 18.16 34.61 -3.40
N LYS A 330 19.01 33.80 -4.08
CA LYS A 330 19.66 34.24 -5.31
C LYS A 330 19.59 33.08 -6.31
N ALA A 331 18.97 33.33 -7.48
CA ALA A 331 18.87 32.33 -8.53
C ALA A 331 20.26 31.93 -9.04
N PRO A 332 20.38 30.77 -9.73
CA PRO A 332 21.63 30.33 -10.35
C PRO A 332 22.37 31.44 -11.08
N ALA A 333 23.64 31.66 -10.74
CA ALA A 333 24.44 32.76 -11.25
C ALA A 333 25.89 32.28 -11.40
N ASP A 334 26.64 32.98 -12.26
CA ASP A 334 28.06 32.71 -12.39
C ASP A 334 28.74 32.89 -11.04
N ILE A 335 29.73 32.02 -10.77
CA ILE A 335 30.55 32.09 -9.57
C ILE A 335 31.37 33.39 -9.69
N PRO A 336 31.34 34.30 -8.69
CA PRO A 336 32.06 35.58 -8.78
C PRO A 336 33.55 35.37 -9.01
N THR A 337 34.12 36.16 -9.95
CA THR A 337 35.54 36.18 -10.28
C THR A 337 36.36 36.40 -9.01
N GLY A 338 35.89 37.29 -8.13
CA GLY A 338 36.59 37.60 -6.90
C GLY A 338 36.28 36.62 -5.75
N SER A 339 35.70 35.46 -6.05
CA SER A 339 35.53 34.45 -5.01
C SER A 339 36.71 33.47 -5.00
N THR A 340 36.95 32.89 -3.82
CA THR A 340 38.27 32.40 -3.46
C THR A 340 38.17 30.95 -2.99
N ASN A 341 37.18 30.20 -3.50
CA ASN A 341 36.84 28.89 -2.94
C ASN A 341 38.07 27.98 -2.87
N GLU A 342 39.16 28.38 -3.55
CA GLU A 342 40.40 27.61 -3.56
C GLU A 342 41.13 27.70 -2.22
N ASN A 343 40.59 28.45 -1.26
CA ASN A 343 41.22 28.64 0.04
C ASN A 343 40.55 27.79 1.12
N LEU A 344 39.62 26.91 0.70
CA LEU A 344 38.76 26.22 1.65
C LEU A 344 39.40 24.90 2.08
N TYR A 345 39.11 24.51 3.34
CA TYR A 345 39.87 23.57 4.16
C TYR A 345 40.17 22.26 3.42
N PHE A 346 39.32 21.94 2.43
CA PHE A 346 39.21 20.60 1.88
C PHE A 346 39.96 20.50 0.55
N GLN A 347 40.31 21.64 -0.05
CA GLN A 347 41.02 21.62 -1.32
C GLN A 347 42.36 20.86 -1.14
C1 GLC B . 6.08 28.91 -6.81
C2 GLC B . 6.42 30.25 -6.14
C3 GLC B . 7.91 30.53 -6.20
C4 GLC B . 8.68 29.42 -5.52
C5 GLC B . 8.22 28.08 -6.11
C6 GLC B . 8.88 26.92 -5.42
O2 GLC B . 5.76 31.34 -6.73
O3 GLC B . 8.23 31.76 -5.55
O4 GLC B . 10.08 29.68 -5.72
O5 GLC B . 6.78 27.93 -6.04
O6 GLC B . 8.46 25.72 -6.08
C1 FRU B . 6.55 29.06 -10.50
C2 FRU B . 5.75 28.59 -9.30
C3 FRU B . 5.37 27.12 -9.60
C4 FRU B . 3.85 27.08 -9.53
C5 FRU B . 3.42 28.53 -9.73
C6 FRU B . 2.06 28.87 -9.11
O1 FRU B . 7.54 28.07 -10.79
O2 FRU B . 6.60 28.80 -8.15
O3 FRU B . 5.98 26.15 -8.74
O4 FRU B . 3.31 26.25 -10.58
O5 FRU B . 4.50 29.32 -9.19
O6 FRU B . 1.18 27.73 -9.14
CU CU C . -4.08 -17.12 -4.33
CU CU D . 0.82 -12.93 6.62
S SO4 E . 16.73 -18.56 -21.80
O1 SO4 E . 15.34 -18.21 -21.65
O2 SO4 E . 17.33 -17.67 -22.79
O3 SO4 E . 16.82 -19.91 -22.25
O4 SO4 E . 17.40 -18.41 -20.53
N1 EPE F . -7.08 -8.64 24.22
C2 EPE F . -7.60 -7.83 25.32
C3 EPE F . -6.56 -7.73 26.42
N4 EPE F . -5.31 -7.14 25.93
C5 EPE F . -4.82 -7.90 24.76
C6 EPE F . -5.86 -8.00 23.69
C7 EPE F . -4.30 -7.08 26.98
C8 EPE F . -4.37 -5.85 27.85
O8 EPE F . -5.25 -4.88 27.30
C9 EPE F . -8.08 -8.88 23.18
C10 EPE F . -8.86 -10.17 23.44
S EPE F . -10.14 -10.35 22.23
O1S EPE F . -10.99 -11.60 22.61
O2S EPE F . -10.96 -9.17 22.39
O3S EPE F . -9.48 -10.58 20.98
S SO4 G . 18.13 36.86 -8.01
O1 SO4 G . 17.55 37.83 -7.12
O2 SO4 G . 17.81 37.20 -9.38
O3 SO4 G . 17.59 35.56 -7.73
O4 SO4 G . 19.55 36.85 -7.81
S SO4 H . 3.36 -10.23 -24.03
O1 SO4 H . 2.85 -8.93 -24.37
O2 SO4 H . 2.67 -10.72 -22.86
O3 SO4 H . 3.14 -11.13 -25.12
O4 SO4 H . 4.77 -10.14 -23.73
S SO4 I . -25.12 -16.49 11.94
O1 SO4 I . -25.14 -15.56 13.05
O2 SO4 I . -26.37 -17.19 11.89
O3 SO4 I . -24.04 -17.43 12.11
O4 SO4 I . -24.90 -15.77 10.71
S SO4 J . 2.19 31.29 -5.50
O1 SO4 J . 2.01 32.31 -4.52
O2 SO4 J . 1.01 31.23 -6.35
O3 SO4 J . 2.36 30.02 -4.85
O4 SO4 J . 3.33 31.58 -6.30
S SO4 K . 1.55 4.35 24.30
O1 SO4 K . 1.96 5.47 25.10
O2 SO4 K . 0.12 4.31 24.22
O3 SO4 K . 2.01 3.15 24.92
O4 SO4 K . 2.11 4.45 23.00
S SO4 L . -23.59 -13.92 -3.40
O1 SO4 L . -24.20 -13.08 -2.40
O2 SO4 L . -24.20 -13.70 -4.69
O3 SO4 L . -23.76 -15.31 -3.03
O4 SO4 L . -22.19 -13.61 -3.47
S SO4 M . -9.55 17.91 -5.30
O1 SO4 M . -10.77 18.22 -6.01
O2 SO4 M . -9.30 18.95 -4.33
O3 SO4 M . -9.71 16.62 -4.67
O4 SO4 M . -8.44 17.86 -6.22
S SO4 N . 23.75 -12.65 -8.10
O1 SO4 N . 23.32 -11.78 -7.04
O2 SO4 N . 22.78 -13.70 -8.29
O3 SO4 N . 25.02 -13.23 -7.76
O4 SO4 N . 23.88 -11.90 -9.32
#